data_5V5W
#
_entry.id   5V5W
#
_cell.length_a   139.068
_cell.length_b   139.068
_cell.length_c   139.068
_cell.angle_alpha   90.00
_cell.angle_beta   90.00
_cell.angle_gamma   90.00
#
_symmetry.space_group_name_H-M   'I 2 3'
#
loop_
_entity.id
_entity.type
_entity.pdbx_description
1 polymer 'MAM domain-containing glycosylphosphatidylinositol anchor protein 1'
2 non-polymer 'SULFATE ION'
3 water water
#
_entity_poly.entity_id   1
_entity_poly.type   'polypeptide(L)'
_entity_poly.pdbx_seq_one_letter_code
;VDYAPAQAQIVHAGQACVVKEDNISERVYTIREGDTLMLQCLVTGHPRPQVRWTKTAGSASDKFQETSVFNETLRIERIA
RTQGGRYYCKAENGVGVPAIKSIRVDVQYLDEPMLTVHQTVSDVRGNFYQEKTVFLRCTVNSNPPARFIWKRGSDTLSHS
QDNGVDIYEPLYTQGETKVLKLKNLRPQDYASYTCQVSVRNVCGIPDKAITFRLTNTTGSASTSHHHHHH
;
_entity_poly.pdbx_strand_id   A
#
loop_
_chem_comp.id
_chem_comp.type
_chem_comp.name
_chem_comp.formula
SO4 non-polymer 'SULFATE ION' 'O4 S -2'
#
# COMPACT_ATOMS: atom_id res chain seq x y z
N TYR A 3 -33.90 -27.45 3.34
CA TYR A 3 -33.09 -26.41 3.95
C TYR A 3 -31.62 -26.81 3.92
N ALA A 4 -30.71 -25.82 3.94
CA ALA A 4 -29.28 -26.10 3.89
C ALA A 4 -28.51 -24.93 4.48
N PRO A 5 -27.40 -25.18 5.18
CA PRO A 5 -26.68 -24.07 5.83
C PRO A 5 -25.97 -23.18 4.82
N ALA A 6 -25.71 -21.95 5.26
CA ALA A 6 -25.18 -20.93 4.36
C ALA A 6 -23.70 -21.18 4.09
N GLN A 7 -23.31 -20.96 2.83
CA GLN A 7 -21.91 -20.95 2.41
C GLN A 7 -21.58 -19.59 1.81
N ALA A 8 -20.30 -19.20 1.90
CA ALA A 8 -19.84 -17.90 1.43
C ALA A 8 -18.57 -18.07 0.62
N GLN A 9 -18.43 -17.23 -0.40
CA GLN A 9 -17.26 -17.25 -1.28
C GLN A 9 -16.99 -15.85 -1.78
N ILE A 10 -15.80 -15.32 -1.49
CA ILE A 10 -15.44 -13.97 -1.90
C ILE A 10 -14.77 -14.03 -3.27
N VAL A 11 -15.25 -13.20 -4.20
CA VAL A 11 -14.72 -13.17 -5.56
C VAL A 11 -14.43 -11.73 -5.94
N HIS A 12 -13.21 -11.49 -6.38
CA HIS A 12 -12.78 -10.14 -6.73
C HIS A 12 -13.56 -9.60 -7.92
N ALA A 13 -13.73 -8.27 -7.93
CA ALA A 13 -14.21 -7.56 -9.10
C ALA A 13 -13.48 -6.22 -9.12
N GLY A 14 -14.03 -5.25 -9.83
CA GLY A 14 -13.48 -3.91 -9.76
C GLY A 14 -12.09 -3.80 -10.37
N GLN A 15 -11.29 -2.91 -9.77
CA GLN A 15 -10.08 -2.41 -10.43
C GLN A 15 -8.79 -2.83 -9.71
N ALA A 16 -8.79 -4.00 -9.09
CA ALA A 16 -7.57 -4.52 -8.48
C ALA A 16 -6.51 -4.83 -9.54
N CYS A 17 -5.23 -4.63 -9.16
CA CYS A 17 -4.08 -4.92 -10.01
C CYS A 17 -3.58 -6.35 -9.85
N VAL A 18 -3.69 -6.91 -8.65
CA VAL A 18 -3.15 -8.22 -8.31
C VAL A 18 -4.11 -8.90 -7.34
N VAL A 19 -4.39 -10.17 -7.56
CA VAL A 19 -5.15 -11.00 -6.63
C VAL A 19 -4.32 -12.23 -6.31
N LYS A 20 -4.35 -12.65 -5.05
CA LYS A 20 -3.65 -13.84 -4.61
C LYS A 20 -4.67 -14.81 -4.03
N GLU A 21 -4.63 -16.06 -4.49
CA GLU A 21 -5.62 -17.04 -4.06
C GLU A 21 -4.93 -18.38 -3.83
N ASP A 22 -5.65 -19.30 -3.18
CA ASP A 22 -5.19 -20.68 -3.04
C ASP A 22 -6.38 -21.61 -3.24
N ASN A 23 -6.19 -22.88 -2.88
CA ASN A 23 -7.22 -23.89 -3.12
C ASN A 23 -8.51 -23.55 -2.40
N ILE A 24 -8.42 -22.87 -1.26
CA ILE A 24 -9.58 -22.66 -0.40
C ILE A 24 -10.35 -21.41 -0.81
N SER A 25 -9.66 -20.30 -1.07
CA SER A 25 -10.35 -19.04 -1.32
C SER A 25 -9.34 -18.00 -1.79
N GLU A 26 -9.88 -16.83 -2.15
CA GLU A 26 -9.04 -15.68 -2.48
C GLU A 26 -8.55 -15.02 -1.19
N ARG A 27 -7.28 -14.64 -1.19
CA ARG A 27 -6.60 -14.19 0.02
C ARG A 27 -6.24 -12.72 0.04
N VAL A 28 -5.80 -12.15 -1.08
CA VAL A 28 -5.35 -10.76 -1.13
C VAL A 28 -5.93 -10.07 -2.36
N TYR A 29 -6.41 -8.84 -2.15
CA TYR A 29 -6.96 -7.98 -3.19
C TYR A 29 -6.13 -6.71 -3.19
N THR A 30 -5.29 -6.54 -4.21
CA THR A 30 -4.35 -5.43 -4.29
C THR A 30 -4.86 -4.42 -5.30
N ILE A 31 -4.89 -3.14 -4.90
CA ILE A 31 -5.53 -2.10 -5.70
C ILE A 31 -4.85 -0.77 -5.40
N ARG A 32 -4.80 0.09 -6.41
CA ARG A 32 -4.12 1.36 -6.30
C ARG A 32 -4.99 2.36 -5.55
N GLU A 33 -4.39 3.05 -4.59
CA GLU A 33 -5.11 4.14 -3.93
C GLU A 33 -5.86 4.99 -4.95
N GLY A 34 -7.13 5.26 -4.67
CA GLY A 34 -7.95 6.04 -5.56
C GLY A 34 -8.75 5.25 -6.58
N ASP A 35 -8.42 4.00 -6.83
CA ASP A 35 -9.22 3.18 -7.74
C ASP A 35 -10.46 2.68 -6.99
N THR A 36 -11.23 1.81 -7.63
CA THR A 36 -12.55 1.42 -7.14
C THR A 36 -12.53 -0.06 -6.76
N LEU A 37 -12.68 -0.33 -5.47
CA LEU A 37 -12.72 -1.69 -4.98
C LEU A 37 -14.11 -2.28 -5.15
N MET A 38 -14.16 -3.54 -5.56
CA MET A 38 -15.42 -4.28 -5.63
C MET A 38 -15.15 -5.72 -5.24
N LEU A 39 -15.88 -6.20 -4.24
CA LEU A 39 -15.78 -7.57 -3.75
C LEU A 39 -17.15 -8.21 -3.76
N GLN A 40 -17.28 -9.32 -4.46
CA GLN A 40 -18.52 -10.08 -4.45
C GLN A 40 -18.48 -11.11 -3.34
N CYS A 41 -19.65 -11.40 -2.76
CA CYS A 41 -19.81 -12.51 -1.83
C CYS A 41 -20.92 -13.40 -2.38
N LEU A 42 -20.52 -14.45 -3.10
CA LEU A 42 -21.46 -15.42 -3.62
C LEU A 42 -21.84 -16.40 -2.51
N VAL A 43 -23.12 -16.70 -2.38
CA VAL A 43 -23.60 -17.50 -1.26
C VAL A 43 -24.49 -18.63 -1.76
N THR A 44 -24.52 -19.72 -0.99
CA THR A 44 -25.34 -20.89 -1.29
C THR A 44 -26.13 -21.26 -0.04
N GLY A 45 -26.96 -22.28 -0.18
CA GLY A 45 -27.81 -22.71 0.90
C GLY A 45 -29.23 -22.19 0.77
N HIS A 46 -30.14 -22.85 1.47
CA HIS A 46 -31.55 -22.53 1.38
C HIS A 46 -32.14 -22.43 2.79
N PRO A 47 -32.90 -21.37 3.10
CA PRO A 47 -33.23 -20.23 2.20
C PRO A 47 -32.02 -19.41 1.78
N ARG A 48 -32.22 -18.47 0.85
CA ARG A 48 -31.13 -17.66 0.34
C ARG A 48 -30.48 -16.88 1.49
N PRO A 49 -29.19 -17.05 1.75
CA PRO A 49 -28.58 -16.38 2.91
C PRO A 49 -28.52 -14.87 2.76
N GLN A 50 -28.76 -14.18 3.88
CA GLN A 50 -28.44 -12.77 3.99
C GLN A 50 -26.92 -12.59 4.01
N VAL A 51 -26.46 -11.46 3.48
CA VAL A 51 -25.03 -11.22 3.30
C VAL A 51 -24.63 -9.95 4.06
N ARG A 52 -23.55 -10.06 4.83
CA ARG A 52 -23.05 -8.94 5.63
C ARG A 52 -21.55 -8.79 5.39
N TRP A 53 -21.09 -7.53 5.47
CA TRP A 53 -19.68 -7.17 5.36
C TRP A 53 -19.25 -6.42 6.62
N THR A 54 -17.94 -6.31 6.82
CA THR A 54 -17.45 -5.54 7.94
C THR A 54 -15.94 -5.38 7.85
N LYS A 55 -15.45 -4.21 8.25
CA LYS A 55 -14.03 -3.93 8.37
C LYS A 55 -13.65 -3.97 9.85
N THR A 56 -12.62 -4.75 10.17
CA THR A 56 -12.25 -5.02 11.56
C THR A 56 -11.44 -3.85 12.12
N ALA A 57 -12.14 -2.72 12.30
CA ALA A 57 -11.53 -1.51 12.83
C ALA A 57 -11.95 -1.37 14.30
N GLY A 58 -10.98 -1.37 15.19
CA GLY A 58 -11.22 -1.30 16.62
C GLY A 58 -10.51 -2.42 17.34
N SER A 59 -10.56 -2.33 18.67
CA SER A 59 -9.89 -3.30 19.54
C SER A 59 -10.80 -4.44 19.97
N ALA A 60 -12.09 -4.19 20.13
CA ALA A 60 -13.02 -5.23 20.56
C ALA A 60 -12.97 -6.41 19.60
N SER A 61 -13.30 -7.59 20.13
CA SER A 61 -13.18 -8.84 19.38
C SER A 61 -14.35 -9.01 18.42
N ASP A 62 -14.33 -10.13 17.67
CA ASP A 62 -15.33 -10.37 16.65
C ASP A 62 -16.75 -10.35 17.22
N LYS A 63 -16.92 -10.71 18.50
CA LYS A 63 -18.23 -10.72 19.12
C LYS A 63 -18.83 -9.31 19.25
N PHE A 64 -18.12 -8.26 18.85
CA PHE A 64 -18.60 -6.90 19.05
C PHE A 64 -18.37 -5.99 17.85
N GLN A 65 -17.98 -6.53 16.70
CA GLN A 65 -17.72 -5.72 15.51
C GLN A 65 -18.99 -5.52 14.71
N GLU A 66 -19.19 -4.28 14.25
CA GLU A 66 -20.45 -3.86 13.66
C GLU A 66 -20.54 -4.32 12.21
N THR A 67 -21.26 -5.41 11.97
CA THR A 67 -21.58 -5.85 10.62
C THR A 67 -22.73 -5.02 10.06
N SER A 68 -23.01 -5.24 8.78
CA SER A 68 -24.06 -4.53 8.09
C SER A 68 -24.60 -5.41 6.96
N VAL A 69 -25.93 -5.45 6.82
CA VAL A 69 -26.52 -6.10 5.65
C VAL A 69 -26.21 -5.26 4.41
N PHE A 70 -25.69 -5.92 3.37
CA PHE A 70 -24.98 -5.21 2.32
C PHE A 70 -25.38 -5.59 0.90
N ASN A 71 -26.20 -6.61 0.69
CA ASN A 71 -26.65 -6.97 -0.65
C ASN A 71 -25.47 -7.36 -1.53
N GLU A 72 -24.72 -8.37 -1.07
CA GLU A 72 -23.69 -9.05 -1.85
C GLU A 72 -22.45 -8.18 -2.12
N THR A 73 -22.56 -7.18 -2.99
CA THR A 73 -21.38 -6.57 -3.59
C THR A 73 -20.95 -5.34 -2.79
N LEU A 74 -19.73 -5.39 -2.26
CA LEU A 74 -19.12 -4.27 -1.56
C LEU A 74 -18.39 -3.40 -2.57
N ARG A 75 -18.66 -2.09 -2.52
CA ARG A 75 -18.05 -1.14 -3.45
C ARG A 75 -17.46 0.02 -2.68
N ILE A 76 -16.20 0.35 -2.95
CA ILE A 76 -15.55 1.51 -2.37
C ILE A 76 -14.86 2.25 -3.51
N GLU A 77 -15.48 3.33 -3.96
CA GLU A 77 -14.83 4.20 -4.93
C GLU A 77 -13.74 5.02 -4.25
N ARG A 78 -12.74 5.41 -5.03
CA ARG A 78 -11.64 6.25 -4.54
C ARG A 78 -11.09 5.72 -3.21
N ILE A 79 -10.72 4.44 -3.23
CA ILE A 79 -10.30 3.78 -2.00
C ILE A 79 -9.03 4.41 -1.48
N ALA A 80 -8.97 4.56 -0.16
CA ALA A 80 -7.87 5.26 0.51
C ALA A 80 -6.90 4.27 1.12
N ARG A 81 -5.65 4.73 1.31
CA ARG A 81 -4.65 3.89 1.95
C ARG A 81 -5.09 3.42 3.32
N THR A 82 -5.95 4.19 4.00
CA THR A 82 -6.41 3.80 5.33
C THR A 82 -7.53 2.77 5.28
N GLN A 83 -8.08 2.47 4.10
CA GLN A 83 -9.16 1.51 3.97
C GLN A 83 -8.66 0.10 3.65
N GLY A 84 -7.34 -0.10 3.66
CA GLY A 84 -6.79 -1.43 3.53
C GLY A 84 -6.97 -2.24 4.79
N GLY A 85 -6.69 -3.54 4.68
CA GLY A 85 -6.85 -4.45 5.80
C GLY A 85 -7.85 -5.55 5.52
N ARG A 86 -8.32 -6.22 6.56
CA ARG A 86 -9.12 -7.44 6.42
C ARG A 86 -10.61 -7.10 6.39
N TYR A 87 -11.29 -7.55 5.34
CA TYR A 87 -12.73 -7.39 5.18
C TYR A 87 -13.38 -8.76 5.31
N TYR A 88 -14.45 -8.84 6.09
CA TYR A 88 -15.12 -10.10 6.39
C TYR A 88 -16.48 -10.13 5.70
N CYS A 89 -16.77 -11.22 5.00
CA CYS A 89 -18.11 -11.50 4.52
C CYS A 89 -18.77 -12.49 5.47
N LYS A 90 -20.04 -12.26 5.76
CA LYS A 90 -20.83 -13.15 6.62
C LYS A 90 -22.12 -13.50 5.90
N ALA A 91 -22.40 -14.79 5.76
CA ALA A 91 -23.62 -15.29 5.14
C ALA A 91 -24.39 -16.10 6.18
N GLU A 92 -25.67 -15.77 6.35
CA GLU A 92 -26.49 -16.44 7.34
C GLU A 92 -27.90 -16.56 6.81
N ASN A 93 -28.51 -17.74 7.02
CA ASN A 93 -29.88 -18.00 6.61
C ASN A 93 -30.70 -18.62 7.73
N GLY A 94 -30.17 -18.63 8.96
CA GLY A 94 -30.85 -19.26 10.08
C GLY A 94 -30.63 -20.75 10.19
N VAL A 95 -29.99 -21.37 9.20
CA VAL A 95 -29.81 -22.82 9.17
C VAL A 95 -28.34 -23.12 9.50
N GLY A 96 -28.13 -23.92 10.55
CA GLY A 96 -26.77 -24.25 10.94
C GLY A 96 -26.07 -23.04 11.53
N VAL A 97 -24.77 -22.95 11.26
CA VAL A 97 -23.94 -21.86 11.76
C VAL A 97 -23.69 -20.87 10.63
N PRO A 98 -23.59 -19.57 10.90
CA PRO A 98 -23.27 -18.63 9.83
C PRO A 98 -21.90 -18.93 9.21
N ALA A 99 -21.78 -18.65 7.92
CA ALA A 99 -20.53 -18.78 7.20
C ALA A 99 -19.82 -17.43 7.17
N ILE A 100 -18.52 -17.45 7.44
CA ILE A 100 -17.71 -16.23 7.46
C ILE A 100 -16.45 -16.47 6.64
N LYS A 101 -16.18 -15.56 5.69
CA LYS A 101 -14.94 -15.55 4.93
C LYS A 101 -14.31 -14.17 5.05
N SER A 102 -13.04 -14.07 4.66
CA SER A 102 -12.34 -12.79 4.75
C SER A 102 -11.29 -12.71 3.65
N ILE A 103 -10.95 -11.47 3.30
CA ILE A 103 -9.91 -11.18 2.33
C ILE A 103 -9.14 -9.96 2.78
N ARG A 104 -7.85 -9.93 2.49
CA ARG A 104 -6.98 -8.80 2.84
C ARG A 104 -6.85 -7.86 1.65
N VAL A 105 -7.06 -6.57 1.91
CA VAL A 105 -7.00 -5.53 0.89
C VAL A 105 -5.71 -4.76 1.09
N ASP A 106 -4.90 -4.72 0.03
CA ASP A 106 -3.63 -4.00 0.04
C ASP A 106 -3.71 -2.81 -0.89
N VAL A 107 -3.79 -1.62 -0.30
CA VAL A 107 -3.87 -0.37 -1.04
C VAL A 107 -2.45 0.15 -1.26
N GLN A 108 -2.08 0.36 -2.51
CA GLN A 108 -0.72 0.71 -2.88
C GLN A 108 -0.66 2.13 -3.42
N TYR A 109 0.45 2.81 -3.14
CA TYR A 109 0.58 4.24 -3.41
C TYR A 109 2.04 4.63 -3.29
N LEU A 110 2.37 5.79 -3.86
CA LEU A 110 3.72 6.35 -3.77
C LEU A 110 3.59 7.86 -3.70
N ASP A 111 3.78 8.42 -2.51
CA ASP A 111 3.71 9.86 -2.34
C ASP A 111 4.93 10.55 -2.95
N GLU A 112 4.77 11.82 -3.26
CA GLU A 112 5.91 12.66 -3.62
C GLU A 112 6.86 12.71 -2.42
N PRO A 113 8.16 12.51 -2.62
CA PRO A 113 9.08 12.43 -1.48
C PRO A 113 9.44 13.80 -0.94
N MET A 114 10.07 13.78 0.23
CA MET A 114 10.56 14.97 0.91
C MET A 114 12.08 14.93 0.90
N LEU A 115 12.71 16.09 0.80
CA LEU A 115 14.16 16.18 0.75
C LEU A 115 14.63 17.35 1.60
N THR A 116 15.54 17.06 2.53
CA THR A 116 16.15 18.10 3.36
C THR A 116 17.66 17.97 3.29
N VAL A 117 18.34 19.11 3.37
CA VAL A 117 19.79 19.17 3.22
C VAL A 117 20.40 19.61 4.55
N HIS A 118 21.64 19.18 4.77
CA HIS A 118 22.38 19.56 5.97
C HIS A 118 23.87 19.52 5.66
N GLN A 119 24.59 20.55 6.08
CA GLN A 119 26.02 20.69 5.79
C GLN A 119 26.80 20.92 7.08
N THR A 120 27.95 20.26 7.18
CA THR A 120 28.88 20.47 8.28
C THR A 120 30.30 20.59 7.73
N VAL A 121 31.19 21.11 8.57
CA VAL A 121 32.60 21.28 8.19
C VAL A 121 33.49 20.77 9.30
N LYS A 132 34.30 20.09 4.03
CA LYS A 132 32.89 20.43 3.89
C LYS A 132 32.10 19.27 3.31
N THR A 133 31.19 18.70 4.11
CA THR A 133 30.37 17.57 3.71
C THR A 133 28.91 18.00 3.57
N VAL A 134 28.18 17.25 2.75
CA VAL A 134 26.79 17.55 2.45
C VAL A 134 25.97 16.27 2.60
N PHE A 135 24.90 16.34 3.39
CA PHE A 135 23.95 15.25 3.56
C PHE A 135 22.64 15.66 2.90
N LEU A 136 22.16 14.84 1.97
CA LEU A 136 20.84 15.02 1.38
C LEU A 136 19.95 13.89 1.87
N ARG A 137 18.86 14.24 2.55
CA ARG A 137 18.02 13.28 3.25
C ARG A 137 16.65 13.20 2.57
N CYS A 138 16.36 12.06 1.98
CA CYS A 138 15.13 11.85 1.21
C CYS A 138 14.22 10.88 1.95
N THR A 139 12.97 11.28 2.14
CA THR A 139 11.96 10.42 2.76
C THR A 139 10.73 10.34 1.86
N VAL A 140 10.05 9.20 1.92
CA VAL A 140 8.83 9.00 1.15
C VAL A 140 7.93 8.04 1.93
N ASN A 141 6.63 8.16 1.69
CA ASN A 141 5.64 7.20 2.16
C ASN A 141 5.13 6.41 0.97
N SER A 142 5.08 5.10 1.11
CA SER A 142 4.68 4.25 0.00
C SER A 142 4.27 2.89 0.52
N ASN A 143 3.53 2.20 -0.31
CA ASN A 143 3.27 0.78 -0.16
C ASN A 143 3.19 0.24 -1.58
N PRO A 144 4.05 -0.69 -1.98
CA PRO A 144 5.11 -1.36 -1.22
C PRO A 144 6.30 -0.46 -0.94
N PRO A 145 7.27 -0.96 -0.19
CA PRO A 145 8.47 -0.15 0.08
C PRO A 145 9.12 0.27 -1.22
N ALA A 146 9.59 1.52 -1.24
CA ALA A 146 10.06 2.13 -2.45
C ALA A 146 11.55 1.90 -2.64
N ARG A 147 11.98 2.05 -3.89
CA ARG A 147 13.38 2.03 -4.27
C ARG A 147 13.84 3.47 -4.43
N PHE A 148 14.97 3.81 -3.84
CA PHE A 148 15.54 5.16 -3.91
C PHE A 148 16.62 5.18 -4.97
N ILE A 149 16.55 6.17 -5.86
CA ILE A 149 17.55 6.37 -6.89
C ILE A 149 18.05 7.80 -6.80
N TRP A 150 19.35 7.97 -6.60
CA TRP A 150 19.98 9.27 -6.53
C TRP A 150 20.65 9.57 -7.86
N LYS A 151 20.44 10.79 -8.36
CA LYS A 151 20.92 11.16 -9.69
C LYS A 151 21.52 12.56 -9.64
N ARG A 152 22.43 12.79 -10.58
CA ARG A 152 22.99 14.10 -10.91
C ARG A 152 22.81 14.36 -12.41
N GLY A 153 21.57 14.24 -12.89
CA GLY A 153 21.30 14.16 -14.31
C GLY A 153 21.49 12.77 -14.87
N SER A 154 22.52 12.08 -14.37
CA SER A 154 22.76 10.67 -14.64
C SER A 154 23.00 9.94 -13.32
N ASP A 155 22.63 8.67 -13.28
CA ASP A 155 22.58 7.92 -12.02
C ASP A 155 23.96 7.83 -11.37
N THR A 156 23.97 7.79 -10.03
CA THR A 156 25.19 7.82 -9.23
C THR A 156 25.29 6.61 -8.31
N LEU A 157 26.49 6.05 -8.20
CA LEU A 157 26.76 4.95 -7.26
C LEU A 157 28.06 5.23 -6.49
N SER A 158 28.50 4.26 -5.69
CA SER A 158 29.75 4.42 -4.95
C SER A 158 30.97 4.32 -5.87
N ASN A 163 32.95 7.87 -6.17
CA ASN A 163 33.46 9.25 -6.03
C ASN A 163 33.27 9.77 -4.61
N GLY A 164 33.67 8.98 -3.62
CA GLY A 164 33.37 9.33 -2.24
C GLY A 164 31.88 9.53 -1.99
N VAL A 165 31.04 8.75 -2.67
CA VAL A 165 29.60 8.88 -2.61
C VAL A 165 29.07 7.77 -1.71
N ASP A 166 28.46 8.14 -0.59
CA ASP A 166 27.87 7.19 0.33
C ASP A 166 26.36 7.36 0.36
N ILE A 167 25.65 6.27 0.13
CA ILE A 167 24.19 6.24 0.13
C ILE A 167 23.76 5.21 1.18
N TYR A 168 23.02 5.67 2.18
CA TYR A 168 22.69 4.79 3.31
C TYR A 168 21.40 5.25 3.97
N GLU A 169 20.76 4.30 4.62
CA GLU A 169 19.70 4.61 5.56
C GLU A 169 20.32 5.12 6.86
N PRO A 170 19.87 6.25 7.39
CA PRO A 170 20.49 6.80 8.60
C PRO A 170 19.95 6.13 9.86
N LEU A 171 20.61 6.45 10.98
CA LEU A 171 20.26 5.81 12.25
C LEU A 171 18.83 6.14 12.66
N TYR A 172 18.48 7.42 12.71
CA TYR A 172 17.15 7.84 13.11
C TYR A 172 16.29 8.05 11.87
N THR A 173 15.19 7.31 11.77
CA THR A 173 14.27 7.44 10.65
C THR A 173 12.84 7.33 11.18
N GLN A 174 12.00 8.25 10.74
CA GLN A 174 10.56 8.20 10.98
C GLN A 174 9.83 7.40 9.91
N GLY A 175 10.55 6.71 9.05
CA GLY A 175 9.97 6.08 7.89
C GLY A 175 11.02 5.86 6.82
N GLU A 176 10.55 5.48 5.64
CA GLU A 176 11.46 5.18 4.54
C GLU A 176 12.38 6.37 4.27
N THR A 177 13.68 6.21 4.53
CA THR A 177 14.63 7.31 4.42
C THR A 177 15.91 6.85 3.74
N LYS A 178 16.47 7.72 2.89
CA LYS A 178 17.77 7.47 2.28
C LYS A 178 18.59 8.75 2.32
N VAL A 179 19.84 8.65 2.75
CA VAL A 179 20.75 9.78 2.84
C VAL A 179 21.81 9.65 1.77
N LEU A 180 22.13 10.78 1.15
CA LEU A 180 23.21 10.88 0.18
C LEU A 180 24.26 11.79 0.80
N LYS A 181 25.44 11.23 1.07
CA LYS A 181 26.53 11.98 1.70
C LYS A 181 27.58 12.28 0.65
N LEU A 182 27.87 13.57 0.47
CA LEU A 182 28.93 14.03 -0.40
C LEU A 182 30.08 14.53 0.48
N LYS A 183 31.23 13.86 0.40
CA LYS A 183 32.34 14.13 1.31
C LYS A 183 33.15 15.33 0.86
N ASN A 184 33.70 15.28 -0.35
CA ASN A 184 34.49 16.37 -0.90
C ASN A 184 33.63 17.22 -1.84
N LEU A 185 33.94 18.51 -1.89
CA LEU A 185 33.18 19.46 -2.71
C LEU A 185 34.10 19.99 -3.81
N ARG A 186 34.15 19.26 -4.92
CA ARG A 186 34.90 19.72 -6.09
C ARG A 186 34.17 20.88 -6.76
N PRO A 187 34.89 21.72 -7.53
CA PRO A 187 34.19 22.76 -8.30
C PRO A 187 33.16 22.15 -9.22
N GLN A 188 33.60 21.23 -10.08
CA GLN A 188 32.67 20.37 -10.78
C GLN A 188 31.79 19.65 -9.77
N ASP A 189 30.62 19.20 -10.22
CA ASP A 189 29.68 18.49 -9.36
C ASP A 189 29.19 19.40 -8.23
N TYR A 190 28.53 20.49 -8.63
CA TYR A 190 28.01 21.49 -7.71
C TYR A 190 26.66 21.99 -8.21
N ALA A 191 25.86 21.09 -8.78
CA ALA A 191 24.60 21.45 -9.39
C ALA A 191 23.45 20.66 -8.78
N SER A 192 22.55 20.14 -9.60
CA SER A 192 21.31 19.57 -9.12
C SER A 192 21.47 18.09 -8.79
N TYR A 193 20.87 17.68 -7.68
CA TYR A 193 20.83 16.30 -7.26
C TYR A 193 19.37 15.92 -7.09
N THR A 194 19.05 14.68 -7.44
CA THR A 194 17.67 14.24 -7.47
C THR A 194 17.50 12.97 -6.65
N CYS A 195 16.44 12.94 -5.86
CA CYS A 195 15.96 11.71 -5.25
C CYS A 195 14.75 11.27 -6.06
N GLN A 196 14.91 10.16 -6.77
CA GLN A 196 13.81 9.54 -7.49
C GLN A 196 13.40 8.30 -6.71
N VAL A 197 12.09 8.20 -6.44
CA VAL A 197 11.54 7.09 -5.68
C VAL A 197 10.67 6.25 -6.62
N SER A 198 10.75 4.93 -6.47
CA SER A 198 10.04 4.02 -7.36
C SER A 198 9.43 2.88 -6.56
N VAL A 199 8.28 2.39 -7.02
CA VAL A 199 7.76 1.10 -6.61
C VAL A 199 7.80 0.11 -7.77
N ARG A 200 8.66 0.37 -8.75
CA ARG A 200 8.83 -0.49 -9.92
C ARG A 200 7.53 -0.64 -10.70
N ASN A 201 6.71 0.40 -10.67
CA ASN A 201 5.50 0.53 -11.49
C ASN A 201 4.47 -0.57 -11.20
N VAL A 202 4.49 -1.16 -10.00
CA VAL A 202 3.39 -2.03 -9.63
C VAL A 202 2.10 -1.20 -9.63
N CYS A 203 0.99 -1.87 -9.94
CA CYS A 203 -0.32 -1.23 -10.05
C CYS A 203 -0.35 -0.07 -11.03
N GLY A 204 0.69 0.08 -11.85
CA GLY A 204 0.72 1.22 -12.74
C GLY A 204 1.02 2.54 -12.05
N ILE A 205 1.68 2.49 -10.89
CA ILE A 205 2.04 3.69 -10.15
C ILE A 205 3.38 4.18 -10.69
N PRO A 206 3.45 5.35 -11.31
CA PRO A 206 4.73 5.86 -11.82
C PRO A 206 5.63 6.37 -10.72
N ASP A 207 6.89 6.57 -11.08
CA ASP A 207 7.89 7.12 -10.17
C ASP A 207 7.60 8.58 -9.85
N LYS A 208 8.25 9.05 -8.79
CA LYS A 208 8.23 10.47 -8.44
C LYS A 208 9.62 10.89 -8.00
N ALA A 209 9.89 12.19 -8.07
CA ALA A 209 11.24 12.70 -7.87
C ALA A 209 11.20 14.06 -7.20
N ILE A 210 12.29 14.38 -6.51
CA ILE A 210 12.49 15.68 -5.90
C ILE A 210 13.95 16.08 -6.11
N THR A 211 14.17 17.33 -6.49
CA THR A 211 15.48 17.81 -6.91
C THR A 211 15.94 18.94 -6.02
N PHE A 212 17.22 18.90 -5.64
CA PHE A 212 17.83 19.94 -4.83
C PHE A 212 18.97 20.56 -5.59
N ARG A 213 18.94 21.88 -5.73
CA ARG A 213 19.95 22.62 -6.47
C ARG A 213 21.05 23.05 -5.51
N LEU A 214 22.19 22.38 -5.57
CA LEU A 214 23.26 22.62 -4.62
C LEU A 214 24.12 23.79 -5.08
N THR A 215 24.44 24.69 -4.15
CA THR A 215 25.25 25.86 -4.44
C THR A 215 26.25 26.09 -3.30
S SO4 B . -1.68 -13.51 3.27
O1 SO4 B . -2.42 -12.37 3.84
O2 SO4 B . -1.01 -14.22 4.35
O3 SO4 B . -2.64 -14.41 2.64
O4 SO4 B . -0.69 -13.05 2.32
S SO4 C . -28.52 -5.10 12.34
O1 SO4 C . -29.00 -3.82 11.81
O2 SO4 C . -28.55 -5.01 13.79
O3 SO4 C . -29.38 -6.20 11.89
O4 SO4 C . -27.16 -5.36 11.89
S SO4 D . 16.98 21.50 -12.65
O1 SO4 D . 15.58 21.73 -13.01
O2 SO4 D . 17.30 22.23 -11.43
O3 SO4 D . 17.82 21.98 -13.74
O4 SO4 D . 17.21 20.08 -12.44
#